data_6E8I
#
_entry.id   6E8I
#
_cell.length_a   40.810
_cell.length_b   64.140
_cell.length_c   67.850
_cell.angle_alpha   90.000
_cell.angle_beta   90.000
_cell.angle_gamma   90.000
#
_symmetry.space_group_name_H-M   'P 21 21 21'
#
loop_
_entity.id
_entity.type
_entity.pdbx_description
1 polymer 'LeSH (Llo2327)'
2 non-polymer O-PHOSPHOTYROSINE
3 water water
#
_entity_poly.entity_id   1
_entity_poly.type   'polypeptide(L)'
_entity_poly.pdbx_seq_one_letter_code
;GAMEAMQKNELNSKIPIIFGLINSYQIHNLLEQHNAKTKESKAVFLIRDSSTYPGLLTISYYCQEQDIVKHIRFGLTDKG
WKTAPKPPHEPLKSDSPEIKEKYTLDKIKFERKMKQFINTAKKLFEQHIRAESFKTLIMELKIHEFNLEGLIKPTRSQAS
QEKHFTDYV
;
_entity_poly.pdbx_strand_id   A
#
# COMPACT_ATOMS: atom_id res chain seq x y z
N SER A 13 -20.25 15.36 -4.11
CA SER A 13 -19.97 14.59 -5.32
C SER A 13 -18.49 14.23 -5.45
N LYS A 14 -17.74 14.42 -4.37
CA LYS A 14 -16.29 14.23 -4.40
C LYS A 14 -15.91 12.74 -4.41
N ILE A 15 -14.87 12.42 -5.15
CA ILE A 15 -14.39 11.06 -5.32
C ILE A 15 -13.23 10.84 -4.36
N PRO A 16 -13.21 9.76 -3.58
CA PRO A 16 -12.03 9.45 -2.76
C PRO A 16 -10.79 9.29 -3.62
N ILE A 17 -9.63 9.59 -3.01
CA ILE A 17 -8.35 9.43 -3.67
C ILE A 17 -7.78 8.03 -3.56
N ILE A 18 -8.52 7.08 -2.98
CA ILE A 18 -8.06 5.71 -2.77
C ILE A 18 -8.71 4.85 -3.85
N PHE A 19 -7.91 4.03 -4.53
CA PHE A 19 -8.45 3.03 -5.45
C PHE A 19 -9.00 1.84 -4.69
N GLY A 20 -10.00 1.19 -5.28
CA GLY A 20 -10.46 -0.11 -4.79
C GLY A 20 -9.57 -1.24 -5.24
N LEU A 21 -10.15 -2.42 -5.35
CA LEU A 21 -9.40 -3.61 -5.72
C LEU A 21 -9.14 -3.60 -7.23
N ILE A 22 -7.96 -3.12 -7.63
CA ILE A 22 -7.60 -3.09 -9.05
C ILE A 22 -6.55 -4.17 -9.32
N ASN A 23 -6.57 -4.69 -10.55
CA ASN A 23 -5.70 -5.80 -10.90
C ASN A 23 -4.30 -5.30 -11.28
N SER A 24 -3.35 -6.25 -11.38
CA SER A 24 -1.96 -5.90 -11.61
C SER A 24 -1.74 -5.24 -12.97
N TYR A 25 -2.47 -5.70 -13.99
CA TYR A 25 -2.38 -5.10 -15.32
C TYR A 25 -2.79 -3.64 -15.26
N GLN A 26 -3.91 -3.37 -14.58
CA GLN A 26 -4.43 -2.01 -14.49
C GLN A 26 -3.51 -1.13 -13.68
N ILE A 27 -2.89 -1.67 -12.62
CA ILE A 27 -1.91 -0.90 -11.84
C ILE A 27 -0.75 -0.47 -12.73
N HIS A 28 -0.21 -1.39 -13.52
CA HIS A 28 0.91 -1.05 -14.37
C HIS A 28 0.50 0.00 -15.39
N ASN A 29 -0.68 -0.18 -16.00
CA ASN A 29 -1.10 0.75 -17.05
C ASN A 29 -1.41 2.13 -16.50
N LEU A 30 -1.90 2.22 -15.25
CA LEU A 30 -2.13 3.54 -14.67
C LEU A 30 -0.82 4.26 -14.40
N LEU A 31 0.18 3.55 -13.87
CA LEU A 31 1.48 4.18 -13.66
C LEU A 31 2.10 4.63 -14.98
N GLU A 32 1.99 3.79 -16.01
CA GLU A 32 2.56 4.16 -17.30
C GLU A 32 1.81 5.33 -17.91
N GLN A 33 0.48 5.35 -17.80
CA GLN A 33 -0.31 6.45 -18.37
C GLN A 33 0.13 7.81 -17.81
N HIS A 34 0.50 7.84 -16.54
CA HIS A 34 0.96 9.07 -15.90
C HIS A 34 2.46 9.23 -15.97
N ASN A 35 3.12 8.52 -16.88
CA ASN A 35 4.50 8.77 -17.24
C ASN A 35 5.46 8.43 -16.09
N ALA A 36 5.10 7.45 -15.26
CA ALA A 36 6.00 7.01 -14.20
C ALA A 36 7.37 6.58 -14.72
N LYS A 37 7.45 6.06 -15.94
CA LYS A 37 8.73 5.55 -16.41
C LYS A 37 9.67 6.63 -16.94
N THR A 38 9.22 7.88 -17.03
CA THR A 38 10.12 8.98 -17.37
C THR A 38 10.26 9.95 -16.21
N LYS A 39 9.82 9.57 -15.02
CA LYS A 39 9.95 10.38 -13.81
C LYS A 39 10.69 9.59 -12.74
N GLU A 40 11.19 10.32 -11.73
CA GLU A 40 11.94 9.64 -10.67
C GLU A 40 11.04 8.67 -9.93
N SER A 41 11.65 7.65 -9.33
CA SER A 41 10.92 6.70 -8.51
C SER A 41 10.11 7.43 -7.45
N LYS A 42 8.85 7.04 -7.28
CA LYS A 42 7.89 7.61 -6.34
C LYS A 42 7.36 8.99 -6.74
N ALA A 43 7.77 9.52 -7.89
CA ALA A 43 7.19 10.79 -8.34
C ALA A 43 5.76 10.62 -8.81
N VAL A 44 5.36 9.39 -9.12
CA VAL A 44 4.02 9.01 -9.56
C VAL A 44 3.64 7.78 -8.75
N PHE A 45 2.45 7.78 -8.15
CA PHE A 45 2.06 6.64 -7.33
C PHE A 45 0.54 6.60 -7.22
N LEU A 46 0.02 5.45 -6.78
CA LEU A 46 -1.38 5.35 -6.44
C LEU A 46 -1.56 4.61 -5.11
N ILE A 47 -2.71 4.85 -4.49
CA ILE A 47 -3.08 4.29 -3.19
C ILE A 47 -4.32 3.44 -3.39
N ARG A 48 -4.28 2.20 -2.92
CA ARG A 48 -5.37 1.28 -3.19
C ARG A 48 -5.63 0.39 -1.99
N ASP A 49 -6.85 -0.12 -1.91
CA ASP A 49 -7.17 -1.19 -0.98
C ASP A 49 -6.19 -2.35 -1.14
N SER A 50 -5.70 -2.86 -0.02
CA SER A 50 -4.88 -4.06 -0.10
C SER A 50 -5.76 -5.23 -0.51
N SER A 51 -5.31 -6.01 -1.48
CA SER A 51 -6.08 -7.19 -1.85
C SER A 51 -5.86 -8.35 -0.89
N THR A 52 -4.69 -8.40 -0.25
CA THR A 52 -4.34 -9.52 0.62
C THR A 52 -4.85 -9.33 2.04
N TYR A 53 -4.80 -8.10 2.55
CA TYR A 53 -5.15 -7.82 3.94
C TYR A 53 -6.24 -6.76 4.01
N PRO A 54 -7.51 -7.14 4.16
CA PRO A 54 -8.57 -6.13 4.31
C PRO A 54 -8.32 -5.19 5.49
N GLY A 55 -8.52 -3.90 5.24
CA GLY A 55 -8.24 -2.88 6.22
C GLY A 55 -6.92 -2.15 6.00
N LEU A 56 -6.01 -2.75 5.26
CA LEU A 56 -4.73 -2.15 4.90
C LEU A 56 -4.83 -1.37 3.59
N LEU A 57 -3.87 -0.45 3.41
CA LEU A 57 -3.69 0.28 2.16
C LEU A 57 -2.37 -0.12 1.53
N THR A 58 -2.33 -0.12 0.19
CA THR A 58 -1.09 -0.43 -0.50
C THR A 58 -0.75 0.72 -1.43
N ILE A 59 0.49 1.20 -1.35
CA ILE A 59 1.01 2.22 -2.26
C ILE A 59 1.79 1.51 -3.36
N SER A 60 1.41 1.77 -4.62
CA SER A 60 2.06 1.18 -5.78
C SER A 60 2.77 2.30 -6.52
N TYR A 61 3.99 2.02 -6.97
CA TYR A 61 4.79 3.04 -7.66
C TYR A 61 5.77 2.32 -8.57
N TYR A 62 6.52 3.11 -9.36
CA TYR A 62 7.52 2.56 -10.29
C TYR A 62 8.93 2.76 -9.73
N CYS A 63 9.73 1.70 -9.71
CA CYS A 63 11.12 1.78 -9.28
C CYS A 63 12.01 1.87 -10.52
N GLN A 64 12.62 3.03 -10.73
CA GLN A 64 13.52 3.20 -11.87
C GLN A 64 14.71 2.25 -11.79
N GLU A 65 15.16 1.95 -10.57
CA GLU A 65 16.39 1.19 -10.44
C GLU A 65 16.22 -0.26 -10.87
N GLN A 66 15.04 -0.85 -10.65
CA GLN A 66 14.83 -2.24 -11.04
C GLN A 66 13.87 -2.40 -12.19
N ASP A 67 13.31 -1.31 -12.70
CA ASP A 67 12.35 -1.35 -13.81
C ASP A 67 11.19 -2.29 -13.50
N ILE A 68 10.53 -2.05 -12.37
CA ILE A 68 9.40 -2.86 -11.93
C ILE A 68 8.49 -1.99 -11.07
N VAL A 69 7.23 -2.40 -11.01
CA VAL A 69 6.31 -1.82 -10.04
C VAL A 69 6.57 -2.43 -8.68
N LYS A 70 6.58 -1.59 -7.64
CA LYS A 70 6.73 -2.01 -6.25
C LYS A 70 5.52 -1.55 -5.44
N HIS A 71 5.33 -2.22 -4.30
CA HIS A 71 4.16 -2.03 -3.44
C HIS A 71 4.59 -1.99 -1.98
N ILE A 72 3.99 -1.07 -1.21
CA ILE A 72 4.25 -0.93 0.22
C ILE A 72 2.92 -0.83 0.95
N ARG A 73 2.74 -1.67 1.97
CA ARG A 73 1.51 -1.71 2.74
C ARG A 73 1.56 -0.82 3.97
N PHE A 74 0.43 -0.16 4.26
CA PHE A 74 0.26 0.67 5.45
C PHE A 74 -0.99 0.22 6.18
N GLY A 75 -0.98 0.41 7.50
CA GLY A 75 -2.16 0.11 8.30
C GLY A 75 -2.33 1.14 9.39
N LEU A 76 -3.56 1.25 9.86
CA LEU A 76 -3.82 2.13 10.99
C LEU A 76 -3.17 1.60 12.27
N THR A 77 -2.52 2.50 13.00
CA THR A 77 -2.02 2.30 14.35
C THR A 77 -2.59 3.41 15.22
N ASP A 78 -2.34 3.36 16.53
CA ASP A 78 -2.86 4.41 17.38
C ASP A 78 -2.32 5.78 17.00
N LYS A 79 -1.13 5.83 16.39
CA LYS A 79 -0.53 7.07 15.91
C LYS A 79 -1.00 7.48 14.52
N GLY A 80 -1.77 6.64 13.82
CA GLY A 80 -2.12 6.90 12.44
C GLY A 80 -1.59 5.81 11.52
N TRP A 81 -1.70 6.06 10.22
CA TRP A 81 -1.22 5.10 9.25
C TRP A 81 0.28 4.92 9.39
N LYS A 82 0.74 3.66 9.35
CA LYS A 82 2.15 3.36 9.49
C LYS A 82 2.48 2.17 8.60
N THR A 83 3.75 2.03 8.27
CA THR A 83 4.17 0.91 7.44
C THR A 83 3.87 -0.41 8.15
N ALA A 84 3.35 -1.36 7.38
CA ALA A 84 3.08 -2.68 7.89
C ALA A 84 4.36 -3.52 7.85
N PRO A 85 4.39 -4.64 8.57
CA PRO A 85 5.55 -5.52 8.50
C PRO A 85 5.78 -5.98 7.06
N LYS A 86 7.05 -6.03 6.68
CA LYS A 86 7.42 -6.37 5.31
C LYS A 86 7.71 -7.87 5.20
N PRO A 87 7.17 -8.54 4.19
CA PRO A 87 7.39 -9.97 4.06
C PRO A 87 8.80 -10.29 3.60
N PRO A 88 9.28 -11.51 3.82
CA PRO A 88 10.61 -11.87 3.32
C PRO A 88 10.58 -12.04 1.82
N HIS A 89 11.77 -12.21 1.26
CA HIS A 89 11.89 -12.36 -0.17
C HIS A 89 11.27 -13.67 -0.61
N GLU A 90 10.57 -13.63 -1.74
CA GLU A 90 9.83 -14.78 -2.23
C GLU A 90 10.79 -15.93 -2.53
N PRO A 91 10.37 -17.17 -2.29
CA PRO A 91 11.23 -18.32 -2.63
C PRO A 91 11.56 -18.36 -4.11
N LEU A 92 12.74 -18.88 -4.42
CA LEU A 92 13.23 -19.05 -5.78
C LEU A 92 13.65 -20.50 -6.00
N LYS A 93 13.50 -21.00 -7.22
CA LYS A 93 13.83 -22.41 -7.46
C LYS A 93 15.31 -22.70 -7.28
N SER A 94 16.16 -21.67 -7.20
CA SER A 94 17.59 -21.87 -7.00
C SER A 94 18.00 -21.84 -5.53
N ASP A 95 17.05 -21.69 -4.61
CA ASP A 95 17.37 -21.47 -3.20
C ASP A 95 18.20 -22.61 -2.64
N SER A 96 19.29 -22.26 -1.98
CA SER A 96 20.06 -23.23 -1.22
C SER A 96 19.32 -23.55 0.08
N PRO A 97 19.69 -24.65 0.75
CA PRO A 97 19.09 -24.93 2.06
C PRO A 97 19.22 -23.78 3.06
N GLU A 98 20.34 -23.05 3.01
CA GLU A 98 20.56 -21.94 3.92
C GLU A 98 19.54 -20.82 3.68
N ILE A 99 19.27 -20.50 2.42
CA ILE A 99 18.21 -19.55 2.11
C ILE A 99 16.88 -20.06 2.65
N LYS A 100 16.58 -21.34 2.39
CA LYS A 100 15.29 -21.90 2.77
C LYS A 100 15.12 -21.91 4.27
N GLU A 101 16.19 -22.20 5.01
CA GLU A 101 16.11 -22.20 6.46
C GLU A 101 15.84 -20.81 7.00
N LYS A 102 16.51 -19.80 6.42
CA LYS A 102 16.25 -18.43 6.83
C LYS A 102 14.82 -18.01 6.47
N TYR A 103 14.32 -18.47 5.32
CA TYR A 103 12.94 -18.12 4.93
C TYR A 103 11.93 -18.60 5.96
N THR A 104 12.12 -19.83 6.47
CA THR A 104 11.21 -20.36 7.50
C THR A 104 11.09 -19.41 8.69
N LEU A 105 12.22 -19.02 9.29
CA LEU A 105 12.17 -18.11 10.43
C LEU A 105 11.57 -16.77 10.04
N ASP A 106 11.99 -16.20 8.91
CA ASP A 106 11.50 -14.89 8.53
C ASP A 106 10.00 -14.90 8.24
N LYS A 107 9.50 -15.99 7.64
CA LYS A 107 8.06 -16.07 7.38
C LYS A 107 7.27 -16.13 8.67
N ILE A 108 7.70 -16.99 9.61
CA ILE A 108 7.06 -17.06 10.92
C ILE A 108 7.05 -15.69 11.58
N LYS A 109 8.20 -15.00 11.54
CA LYS A 109 8.28 -13.67 12.13
C LYS A 109 7.31 -12.72 11.44
N PHE A 110 7.28 -12.72 10.10
CA PHE A 110 6.37 -11.84 9.38
C PHE A 110 4.93 -12.16 9.74
N GLU A 111 4.57 -13.45 9.75
CA GLU A 111 3.19 -13.84 10.05
C GLU A 111 2.76 -13.40 11.44
N ARG A 112 3.64 -13.56 12.45
CA ARG A 112 3.28 -13.14 13.81
C ARG A 112 3.13 -11.64 13.91
N LYS A 113 4.03 -10.89 13.27
CA LYS A 113 3.96 -9.44 13.33
C LYS A 113 2.73 -8.93 12.58
N MET A 114 2.51 -9.43 11.36
CA MET A 114 1.36 -9.02 10.58
C MET A 114 0.05 -9.31 11.32
N LYS A 115 -0.01 -10.45 12.04
CA LYS A 115 -1.23 -10.81 12.74
C LYS A 115 -1.55 -9.79 13.84
N GLN A 116 -0.55 -9.47 14.66
CA GLN A 116 -0.72 -8.41 15.64
C GLN A 116 -1.08 -7.09 14.98
N PHE A 117 -0.42 -6.79 13.85
CA PHE A 117 -0.60 -5.49 13.21
C PHE A 117 -2.02 -5.33 12.68
N ILE A 118 -2.53 -6.34 11.97
CA ILE A 118 -3.87 -6.30 11.42
C ILE A 118 -4.93 -6.31 12.51
N ASN A 119 -4.65 -6.99 13.63
CA ASN A 119 -5.62 -7.00 14.72
C ASN A 119 -5.89 -5.59 15.20
N THR A 120 -4.85 -4.76 15.29
CA THR A 120 -5.03 -3.36 15.64
C THR A 120 -5.52 -2.54 14.46
N ALA A 121 -4.95 -2.75 13.27
CA ALA A 121 -5.32 -1.93 12.12
C ALA A 121 -6.78 -2.13 11.75
N LYS A 122 -7.26 -3.37 11.78
CA LYS A 122 -8.64 -3.61 11.36
C LYS A 122 -9.64 -2.99 12.33
N LYS A 123 -9.33 -2.99 13.63
CA LYS A 123 -10.24 -2.38 14.60
C LYS A 123 -10.34 -0.86 14.41
N LEU A 124 -9.20 -0.20 14.23
CA LEU A 124 -9.24 1.24 13.94
C LEU A 124 -9.91 1.51 12.60
N PHE A 125 -9.66 0.67 11.59
CA PHE A 125 -10.33 0.79 10.31
C PHE A 125 -11.85 0.77 10.45
N GLU A 126 -12.37 0.01 11.41
CA GLU A 126 -13.81 -0.13 11.57
C GLU A 126 -14.43 0.97 12.44
N GLN A 127 -13.75 1.46 13.46
CA GLN A 127 -14.46 2.31 14.41
C GLN A 127 -14.57 3.76 13.93
N HIS A 128 -13.52 4.29 13.29
CA HIS A 128 -13.47 5.70 12.94
C HIS A 128 -13.56 5.84 11.42
N ILE A 129 -14.78 5.77 10.91
CA ILE A 129 -15.01 6.04 9.49
C ILE A 129 -15.05 7.55 9.25
N ARG A 130 -15.70 8.29 10.14
CA ARG A 130 -15.56 9.74 10.22
C ARG A 130 -14.27 10.04 10.94
N ALA A 131 -13.19 10.28 10.19
CA ALA A 131 -11.85 10.11 10.72
C ALA A 131 -10.92 11.28 10.40
N GLU A 132 -10.21 11.76 11.42
CA GLU A 132 -9.01 12.58 11.26
C GLU A 132 -7.79 11.73 10.96
N SER A 133 -8.01 10.45 10.64
CA SER A 133 -6.94 9.56 10.20
C SER A 133 -6.33 10.02 8.87
N PHE A 134 -7.08 10.78 8.07
CA PHE A 134 -6.61 11.14 6.75
C PHE A 134 -5.31 11.95 6.80
N LYS A 135 -5.19 12.84 7.78
CA LYS A 135 -3.97 13.64 7.87
C LYS A 135 -2.74 12.78 8.12
N THR A 136 -2.89 11.71 8.91
CA THR A 136 -1.75 10.86 9.20
C THR A 136 -1.33 10.05 7.99
N LEU A 137 -2.23 9.80 7.03
CA LEU A 137 -1.83 9.16 5.78
C LEU A 137 -0.92 10.07 4.98
N ILE A 138 -1.29 11.35 4.89
CA ILE A 138 -0.43 12.32 4.21
C ILE A 138 0.92 12.40 4.90
N MET A 139 0.95 12.33 6.24
CA MET A 139 2.23 12.39 6.94
C MET A 139 3.12 11.21 6.53
N GLU A 140 2.56 10.01 6.49
CA GLU A 140 3.38 8.83 6.20
C GLU A 140 3.82 8.81 4.74
N LEU A 141 3.01 9.34 3.84
CA LEU A 141 3.47 9.47 2.46
C LEU A 141 4.66 10.42 2.36
N LYS A 142 4.63 11.52 3.12
CA LYS A 142 5.75 12.47 3.12
C LYS A 142 7.01 11.83 3.67
N ILE A 143 6.87 11.04 4.74
CA ILE A 143 8.05 10.39 5.32
C ILE A 143 8.67 9.44 4.30
N HIS A 144 7.82 8.77 3.51
CA HIS A 144 8.32 7.88 2.47
C HIS A 144 8.76 8.61 1.22
N GLU A 145 8.55 9.93 1.15
CA GLU A 145 9.07 10.78 0.08
C GLU A 145 8.32 10.57 -1.24
N PHE A 146 7.05 10.24 -1.12
CA PHE A 146 6.16 10.21 -2.28
C PHE A 146 5.77 11.64 -2.65
N ASN A 147 6.01 12.01 -3.91
CA ASN A 147 5.64 13.32 -4.42
C ASN A 147 4.11 13.45 -4.45
N LEU A 148 3.54 14.20 -3.49
CA LEU A 148 2.08 14.27 -3.38
C LEU A 148 1.44 14.81 -4.65
N GLU A 149 2.16 15.62 -5.41
CA GLU A 149 1.66 16.10 -6.68
C GLU A 149 1.46 14.99 -7.69
N GLY A 150 2.17 13.88 -7.53
CA GLY A 150 2.11 12.79 -8.48
C GLY A 150 1.13 11.70 -8.11
N LEU A 151 0.31 11.93 -7.10
CA LEU A 151 -0.75 10.98 -6.77
C LEU A 151 -1.70 10.84 -7.96
N ILE A 152 -1.94 9.59 -8.37
CA ILE A 152 -2.93 9.28 -9.39
C ILE A 152 -4.31 9.17 -8.73
N LYS A 153 -5.27 9.92 -9.24
CA LYS A 153 -6.61 9.93 -8.65
C LYS A 153 -7.51 8.95 -9.37
N PRO A 154 -8.18 8.06 -8.64
CA PRO A 154 -9.13 7.15 -9.29
C PRO A 154 -10.33 7.89 -9.85
N THR A 155 -10.87 7.33 -10.93
CA THR A 155 -12.18 7.75 -11.36
C THR A 155 -13.23 7.20 -10.39
N ARG A 156 -14.46 7.68 -10.54
CA ARG A 156 -15.51 7.30 -9.59
C ARG A 156 -15.70 5.79 -9.57
N SER A 157 -15.74 5.15 -10.73
CA SER A 157 -16.02 3.72 -10.77
C SER A 157 -14.87 2.88 -10.21
N GLN A 158 -13.65 3.41 -10.19
CA GLN A 158 -12.49 2.69 -9.69
C GLN A 158 -12.13 3.04 -8.24
N ALA A 159 -12.81 4.00 -7.63
CA ALA A 159 -12.43 4.40 -6.28
C ALA A 159 -12.93 3.39 -5.25
N SER A 160 -12.23 3.35 -4.12
CA SER A 160 -12.56 2.37 -3.09
C SER A 160 -13.97 2.60 -2.58
N GLN A 161 -14.69 1.50 -2.35
CA GLN A 161 -16.02 1.52 -1.77
C GLN A 161 -16.01 1.47 -0.25
N GLU A 162 -14.84 1.32 0.36
CA GLU A 162 -14.76 1.22 1.83
C GLU A 162 -15.19 2.54 2.47
N LYS A 163 -16.08 2.45 3.47
CA LYS A 163 -16.62 3.66 4.07
C LYS A 163 -15.57 4.48 4.81
N HIS A 164 -14.49 3.84 5.27
CA HIS A 164 -13.44 4.59 5.96
C HIS A 164 -12.87 5.70 5.09
N PHE A 165 -12.93 5.56 3.77
CA PHE A 165 -12.31 6.53 2.88
C PHE A 165 -13.30 7.52 2.27
N THR A 166 -14.56 7.53 2.73
CA THR A 166 -15.56 8.39 2.11
C THR A 166 -15.08 9.83 2.03
N ASP A 167 -14.47 10.33 3.11
CA ASP A 167 -14.01 11.72 3.16
C ASP A 167 -12.52 11.85 2.87
N TYR A 168 -11.87 10.80 2.37
CA TYR A 168 -10.46 10.87 1.94
C TYR A 168 -10.42 11.51 0.55
N VAL A 169 -10.70 12.80 0.50
CA VAL A 169 -10.87 13.49 -0.77
C VAL A 169 -9.82 14.56 -1.00
N PTR B . 6.02 -6.62 -3.00
CA PTR B . 6.00 -6.35 -1.57
C PTR B . 7.31 -6.73 -0.90
O PTR B . 7.75 -6.09 0.07
OXT PTR B . 7.95 -7.70 -1.32
CB PTR B . 4.86 -7.12 -0.89
CG PTR B . 3.48 -6.73 -1.36
CD1 PTR B . 2.83 -7.50 -2.33
CD2 PTR B . 2.84 -5.62 -0.86
CE1 PTR B . 1.56 -7.15 -2.76
CE2 PTR B . 1.56 -5.27 -1.29
CZ PTR B . 0.93 -6.05 -2.24
OH PTR B . -0.26 -5.75 -2.66
P PTR B . -1.58 -6.27 -1.90
O1P PTR B . -1.73 -5.56 -0.60
O2P PTR B . -2.76 -5.92 -2.80
O3P PTR B . -1.46 -7.78 -1.70
#